data_5JBC
#
_entry.id   5JBC
#
_cell.length_a   44.340
_cell.length_b   65.800
_cell.length_c   97.320
_cell.angle_alpha   90.000
_cell.angle_beta   90.000
_cell.angle_gamma   90.000
#
_symmetry.space_group_name_H-M   'P 21 21 21'
#
loop_
_entity.id
_entity.type
_entity.pdbx_description
1 polymer 'Coagulation factor IX'
2 polymer 'Coagulation factor IX'
3 non-polymer 'CALCIUM ION'
4 non-polymer D-phenylalanyl-N-[(2S,3S)-6-{[amino(iminio)methyl]amino}-1-chloro-2-hydroxyhexan-3-yl]-L-prolinamide
5 water water
#
loop_
_entity_poly.entity_id
_entity_poly.type
_entity_poly.pdbx_seq_one_letter_code
_entity_poly.pdbx_strand_id
1 'polypeptide(L)' CNIKNGRCEQFCKNSADNKVVCSCTEGYRLAENQKSCEPAVPFPCGRVSVSQTSKLTR E
2 'polypeptide(L)'
;IVGGEDAKPGQFPWQVVLNGKVDAFCGGSIVNEKWIVTAAHCVETGVKITVVAGEHNIEETEHTEQKRNVIRIIPHHNYN
AAINTYNHDIALLELDEPLVLNSYVTPICIADKEYTNIFLKFGSGYVSGWGRVFHKGRSALVLQYLRVPLVDRATCLRST
KFTITNNMFCAGFHEGGRDSCQGDSGGPHVTEVEGTSFLTGIVSWGEECAMKGKYGIYTKVSRYVNWIKEKTKLT
;
S
#
loop_
_chem_comp.id
_chem_comp.type
_chem_comp.name
_chem_comp.formula
0G6 peptide-like D-phenylalanyl-N-[(2S,3S)-6-{[amino(iminio)methyl]amino}-1-chloro-2-hydroxyhexan-3-yl]-L-prolinamide 'C21 H34 Cl N6 O3 1'
CA non-polymer 'CALCIUM ION' 'Ca 2'
#
# COMPACT_ATOMS: atom_id res chain seq x y z
N CYS A 1 -12.71 -24.94 -1.24
CA CYS A 1 -12.33 -23.56 -1.47
C CYS A 1 -12.11 -23.29 -2.96
N ASN A 2 -12.23 -24.33 -3.77
CA ASN A 2 -11.96 -24.28 -5.20
C ASN A 2 -12.70 -23.16 -5.94
N ILE A 3 -14.03 -23.13 -5.81
CA ILE A 3 -14.85 -22.15 -6.52
C ILE A 3 -15.32 -21.03 -5.61
N LYS A 4 -14.99 -19.80 -6.00
CA LYS A 4 -15.36 -18.59 -5.27
C LYS A 4 -15.01 -18.67 -3.79
N ASN A 5 -13.81 -19.16 -3.52
CA ASN A 5 -13.25 -19.12 -2.17
C ASN A 5 -14.15 -19.82 -1.15
N GLY A 6 -14.85 -20.86 -1.60
CA GLY A 6 -15.80 -21.56 -0.74
C GLY A 6 -16.85 -20.63 -0.19
N ARG A 7 -17.26 -19.68 -1.03
CA ARG A 7 -18.17 -18.58 -0.68
C ARG A 7 -17.80 -17.85 0.62
N CYS A 8 -16.52 -17.89 0.98
CA CYS A 8 -15.98 -17.10 2.09
C CYS A 8 -15.70 -15.66 1.63
N GLU A 9 -16.08 -14.69 2.44
CA GLU A 9 -15.94 -13.28 2.07
C GLU A 9 -14.46 -12.87 1.99
N GLN A 10 -13.66 -13.45 2.88
CA GLN A 10 -12.22 -13.16 2.93
C GLN A 10 -11.40 -14.44 2.75
N PHE A 11 -11.16 -15.18 3.83
CA PHE A 11 -10.23 -16.33 3.78
C PHE A 11 -10.96 -17.67 3.85
N CYS A 12 -10.34 -18.69 3.25
CA CYS A 12 -10.91 -20.04 3.20
C CYS A 12 -9.82 -21.08 3.35
N LYS A 13 -10.13 -22.16 4.08
CA LYS A 13 -9.23 -23.29 4.19
C LYS A 13 -10.02 -24.59 4.15
N ASN A 14 -9.47 -25.59 3.47
CA ASN A 14 -10.13 -26.89 3.36
C ASN A 14 -10.00 -27.71 4.63
N SER A 15 -11.13 -28.05 5.23
CA SER A 15 -11.14 -28.87 6.44
C SER A 15 -11.07 -30.35 6.08
N ALA A 16 -12.24 -30.92 5.79
CA ALA A 16 -12.37 -32.31 5.38
C ALA A 16 -13.78 -32.46 4.84
N ASP A 17 -14.15 -33.67 4.44
CA ASP A 17 -15.53 -33.91 3.99
C ASP A 17 -15.85 -33.04 2.77
N ASN A 18 -14.82 -32.46 2.16
CA ASN A 18 -14.99 -31.47 1.10
C ASN A 18 -15.78 -30.28 1.62
N LYS A 19 -15.49 -29.91 2.87
CA LYS A 19 -16.18 -28.82 3.57
C LYS A 19 -15.23 -27.62 3.65
N VAL A 20 -15.74 -26.51 4.15
CA VAL A 20 -14.97 -25.27 4.22
C VAL A 20 -15.08 -24.61 5.59
N VAL A 21 -13.94 -24.12 6.07
CA VAL A 21 -13.89 -23.27 7.25
C VAL A 21 -13.43 -21.87 6.82
N CYS A 22 -14.31 -20.89 7.01
CA CYS A 22 -14.01 -19.51 6.65
C CYS A 22 -13.38 -18.78 7.81
N SER A 23 -12.69 -17.67 7.50
CA SER A 23 -12.04 -16.85 8.50
C SER A 23 -11.86 -15.42 7.96
N CYS A 24 -11.56 -14.49 8.86
CA CYS A 24 -11.43 -13.08 8.50
C CYS A 24 -10.13 -12.49 9.04
N THR A 25 -9.76 -11.31 8.55
CA THR A 25 -8.55 -10.64 9.00
C THR A 25 -8.82 -9.94 10.33
N GLU A 26 -7.74 -9.50 11.00
CA GLU A 26 -7.85 -8.83 12.29
C GLU A 26 -8.80 -7.62 12.22
N GLY A 27 -9.63 -7.47 13.25
CA GLY A 27 -10.59 -6.38 13.31
C GLY A 27 -11.97 -6.81 12.83
N TYR A 28 -12.04 -8.01 12.26
CA TYR A 28 -13.28 -8.57 11.73
C TYR A 28 -13.63 -9.88 12.43
N ARG A 29 -14.92 -10.15 12.53
CA ARG A 29 -15.41 -11.38 13.14
C ARG A 29 -16.21 -12.18 12.11
N LEU A 30 -16.09 -13.50 12.20
CA LEU A 30 -16.83 -14.39 11.33
C LEU A 30 -18.32 -14.31 11.66
N ALA A 31 -19.12 -13.83 10.71
CA ALA A 31 -20.56 -13.66 10.92
C ALA A 31 -21.22 -15.02 11.14
N GLU A 32 -22.40 -15.03 11.75
CA GLU A 32 -23.00 -16.29 12.18
C GLU A 32 -23.37 -17.18 10.99
N ASN A 33 -23.48 -16.61 9.80
CA ASN A 33 -23.69 -17.41 8.59
C ASN A 33 -22.41 -18.17 8.20
N GLN A 34 -21.37 -17.98 9.00
CA GLN A 34 -20.12 -18.75 8.92
C GLN A 34 -19.42 -18.55 7.57
N LYS A 35 -19.76 -17.47 6.87
CA LYS A 35 -19.15 -17.15 5.59
C LYS A 35 -18.69 -15.69 5.53
N SER A 36 -19.58 -14.78 5.89
CA SER A 36 -19.31 -13.35 5.77
C SER A 36 -18.43 -12.83 6.92
N CYS A 37 -17.94 -11.60 6.76
CA CYS A 37 -17.07 -10.95 7.75
C CYS A 37 -17.69 -9.68 8.29
N GLU A 38 -17.77 -9.59 9.61
CA GLU A 38 -18.36 -8.45 10.30
C GLU A 38 -17.33 -7.68 11.12
N PRO A 39 -17.40 -6.34 11.08
CA PRO A 39 -16.52 -5.52 11.92
C PRO A 39 -16.66 -5.82 13.42
N ALA A 40 -15.53 -6.06 14.09
CA ALA A 40 -15.52 -6.30 15.53
C ALA A 40 -14.84 -5.15 16.27
N VAL A 41 -14.54 -4.07 15.54
CA VAL A 41 -13.96 -2.87 16.12
C VAL A 41 -14.57 -1.63 15.47
N PRO A 42 -14.40 -0.45 16.10
CA PRO A 42 -14.99 0.77 15.54
C PRO A 42 -14.47 1.17 14.16
N PHE A 43 -13.18 0.95 13.90
CA PHE A 43 -12.59 1.31 12.61
C PHE A 43 -11.69 0.19 12.09
N PRO A 44 -12.32 -0.87 11.53
CA PRO A 44 -11.57 -2.01 11.02
C PRO A 44 -10.76 -1.65 9.79
N CYS A 45 -9.68 -2.38 9.55
CA CYS A 45 -8.79 -2.08 8.45
C CYS A 45 -9.51 -2.15 7.10
N GLY A 46 -8.96 -1.41 6.13
CA GLY A 46 -9.34 -1.52 4.74
C GLY A 46 -10.73 -1.04 4.36
N ARG A 47 -11.39 -0.34 5.28
CA ARG A 47 -12.76 0.14 5.06
C ARG A 47 -12.88 1.67 5.03
N VAL A 48 -13.65 2.16 4.05
CA VAL A 48 -14.02 3.57 3.96
C VAL A 48 -15.29 3.82 4.77
N SER A 49 -15.23 4.73 5.74
CA SER A 49 -16.35 4.97 6.64
C SER A 49 -16.73 6.44 6.73
N VAL A 50 -16.09 7.29 5.93
CA VAL A 50 -16.38 8.72 5.96
C VAL A 50 -17.82 9.00 5.56
N SER A 51 -18.35 8.15 4.69
CA SER A 51 -19.74 8.29 4.24
C SER A 51 -19.96 9.62 3.54
N ILE B 1 1.23 10.99 -8.93
CA ILE B 1 0.37 10.18 -9.79
C ILE B 1 0.06 10.90 -11.10
N VAL B 2 0.39 10.26 -12.22
CA VAL B 2 0.09 10.82 -13.55
C VAL B 2 -1.17 10.20 -14.12
N GLY B 3 -2.09 11.06 -14.58
CA GLY B 3 -3.30 10.62 -15.23
C GLY B 3 -4.36 10.07 -14.28
N GLY B 4 -4.22 10.41 -13.00
CA GLY B 4 -5.19 9.99 -12.00
C GLY B 4 -6.24 11.07 -11.78
N GLU B 5 -6.79 11.12 -10.58
CA GLU B 5 -7.79 12.12 -10.25
C GLU B 5 -7.77 12.37 -8.74
N ASP B 6 -8.44 13.42 -8.31
CA ASP B 6 -8.51 13.78 -6.90
C ASP B 6 -9.26 12.73 -6.10
N ALA B 7 -8.68 12.34 -4.97
CA ALA B 7 -9.40 11.52 -4.01
C ALA B 7 -10.41 12.40 -3.29
N LYS B 8 -11.41 11.79 -2.69
CA LYS B 8 -12.28 12.52 -1.75
C LYS B 8 -11.69 12.37 -0.36
N PRO B 9 -11.93 13.34 0.52
CA PRO B 9 -11.49 13.19 1.91
C PRO B 9 -11.93 11.84 2.50
N GLY B 10 -10.96 11.12 3.05
CA GLY B 10 -11.20 9.83 3.67
C GLY B 10 -11.42 8.66 2.73
N GLN B 11 -11.18 8.86 1.44
CA GLN B 11 -11.33 7.77 0.48
C GLN B 11 -10.21 6.73 0.64
N PHE B 12 -9.07 7.18 1.12
CA PHE B 12 -7.89 6.31 1.34
C PHE B 12 -7.31 6.61 2.73
N PRO B 13 -8.05 6.21 3.77
CA PRO B 13 -7.72 6.62 5.15
C PRO B 13 -6.46 5.97 5.68
N TRP B 14 -5.92 5.02 4.94
CA TRP B 14 -4.66 4.36 5.26
C TRP B 14 -3.46 5.11 4.69
N GLN B 15 -3.69 6.03 3.74
CA GLN B 15 -2.60 6.77 3.12
C GLN B 15 -1.99 7.77 4.09
N VAL B 16 -0.66 7.83 4.13
CA VAL B 16 0.02 8.90 4.85
C VAL B 16 1.04 9.55 3.92
N VAL B 17 1.47 10.75 4.29
CA VAL B 17 2.55 11.44 3.59
C VAL B 17 3.76 11.50 4.50
N LEU B 18 4.95 11.42 3.91
CA LEU B 18 6.19 11.59 4.64
C LEU B 18 6.80 12.97 4.37
N ASN B 19 7.20 13.67 5.44
CA ASN B 19 7.86 14.96 5.32
C ASN B 19 9.21 14.93 6.02
N GLY B 20 10.17 15.66 5.47
CA GLY B 20 11.50 15.72 6.06
C GLY B 20 12.35 16.83 5.49
N LYS B 21 13.55 16.45 5.04
CA LYS B 21 14.47 17.39 4.43
C LYS B 21 13.83 17.95 3.16
N VAL B 22 12.97 17.12 2.58
CA VAL B 22 12.10 17.52 1.49
C VAL B 22 10.67 17.34 1.97
N ASP B 23 9.79 18.29 1.68
CA ASP B 23 8.39 18.16 2.06
C ASP B 23 7.66 17.21 1.11
N ALA B 24 6.75 16.40 1.67
CA ALA B 24 5.89 15.50 0.91
C ALA B 24 6.67 14.66 -0.10
N PHE B 25 7.74 14.02 0.37
CA PHE B 25 8.73 13.40 -0.50
C PHE B 25 8.43 11.95 -0.82
N CYS B 26 7.61 11.32 0.02
CA CYS B 26 7.16 9.96 -0.22
C CYS B 26 5.83 9.69 0.47
N GLY B 27 5.20 8.58 0.12
CA GLY B 27 3.99 8.12 0.79
C GLY B 27 4.24 6.92 1.69
N GLY B 28 3.17 6.45 2.33
CA GLY B 28 3.23 5.27 3.17
C GLY B 28 1.81 4.82 3.46
N SER B 29 1.66 3.71 4.17
CA SER B 29 0.34 3.26 4.56
C SER B 29 0.36 2.79 6.00
N ILE B 30 -0.78 2.97 6.67
CA ILE B 30 -0.93 2.61 8.08
C ILE B 30 -1.04 1.08 8.26
N VAL B 31 -0.07 0.50 8.97
CA VAL B 31 -0.19 -0.90 9.40
C VAL B 31 -1.02 -1.00 10.68
N ASN B 32 -0.68 -0.17 11.67
CA ASN B 32 -1.49 -0.05 12.85
C ASN B 32 -1.21 1.30 13.51
N GLU B 33 -1.67 1.47 14.74
CA GLU B 33 -1.60 2.75 15.41
C GLU B 33 -0.18 3.27 15.57
N LYS B 34 0.80 2.37 15.57
CA LYS B 34 2.19 2.74 15.83
C LYS B 34 3.14 2.55 14.64
N TRP B 35 2.67 1.93 13.56
CA TRP B 35 3.55 1.54 12.45
C TRP B 35 3.07 1.92 11.05
N ILE B 36 4.00 2.45 10.27
CA ILE B 36 3.79 2.75 8.86
C ILE B 36 4.68 1.85 8.00
N VAL B 37 4.18 1.43 6.84
CA VAL B 37 4.99 0.71 5.88
C VAL B 37 5.20 1.61 4.64
N THR B 38 6.44 1.67 4.17
CA THR B 38 6.81 2.56 3.08
C THR B 38 7.90 1.88 2.24
N ALA B 39 8.54 2.64 1.35
CA ALA B 39 9.63 2.12 0.54
C ALA B 39 10.96 2.43 1.20
N ALA B 40 11.88 1.46 1.19
CA ALA B 40 13.18 1.66 1.82
C ALA B 40 13.96 2.84 1.22
N HIS B 41 13.81 3.08 -0.08
CA HIS B 41 14.61 4.12 -0.72
C HIS B 41 14.18 5.53 -0.29
N CYS B 42 13.03 5.63 0.37
CA CYS B 42 12.55 6.90 0.91
C CYS B 42 13.25 7.26 2.20
N VAL B 43 13.81 6.25 2.86
CA VAL B 43 14.20 6.40 4.26
C VAL B 43 15.57 5.83 4.53
N GLU B 44 16.45 5.96 3.54
CA GLU B 44 17.86 5.73 3.78
C GLU B 44 18.34 6.86 4.69
N THR B 45 19.54 6.73 5.23
CA THR B 45 20.05 7.69 6.21
C THR B 45 19.28 7.58 7.53
N GLY B 46 19.72 8.33 8.54
CA GLY B 46 19.05 8.39 9.82
C GLY B 46 18.37 9.73 10.02
N VAL B 47 18.12 10.42 8.91
CA VAL B 47 17.53 11.75 8.92
C VAL B 47 16.15 11.75 9.58
N LYS B 48 15.83 12.84 10.27
CA LYS B 48 14.51 12.99 10.89
C LYS B 48 13.38 13.01 9.88
N ILE B 49 12.32 12.27 10.18
CA ILE B 49 11.16 12.19 9.32
C ILE B 49 9.89 12.38 10.13
N THR B 50 8.91 13.04 9.53
CA THR B 50 7.59 13.22 10.13
CA THR B 50 7.59 13.20 10.14
CA THR B 50 7.59 13.19 10.14
C THR B 50 6.54 12.53 9.26
N VAL B 51 5.48 12.02 9.89
CA VAL B 51 4.36 11.37 9.21
C VAL B 51 3.08 12.15 9.45
N VAL B 52 2.28 12.34 8.40
CA VAL B 52 0.97 12.97 8.56
C VAL B 52 -0.12 12.06 8.02
N ALA B 53 -0.97 11.58 8.93
CA ALA B 53 -2.14 10.79 8.57
C ALA B 53 -3.33 11.72 8.44
N GLY B 54 -4.41 11.24 7.83
CA GLY B 54 -5.60 12.06 7.66
C GLY B 54 -5.34 13.28 6.81
N GLU B 55 -4.33 13.19 5.94
CA GLU B 55 -3.98 14.29 5.07
C GLU B 55 -4.76 14.19 3.77
N HIS B 56 -5.11 15.35 3.20
CA HIS B 56 -5.82 15.41 1.93
C HIS B 56 -5.19 16.47 1.01
N ASN B 57 -5.21 17.72 1.47
CA ASN B 57 -4.63 18.85 0.76
C ASN B 57 -3.43 19.36 1.53
N ILE B 58 -2.23 19.18 1.01
CA ILE B 58 -1.03 19.45 1.81
C ILE B 58 -0.77 20.93 2.05
N GLU B 59 -1.49 21.82 1.36
CA GLU B 59 -1.32 23.26 1.56
C GLU B 59 -2.45 23.88 2.41
N GLU B 60 -3.50 23.10 2.70
CA GLU B 60 -4.63 23.59 3.49
C GLU B 60 -4.79 22.81 4.79
N THR B 61 -5.66 23.29 5.66
CA THR B 61 -5.95 22.61 6.93
C THR B 61 -7.36 22.02 6.90
N GLU B 62 -7.45 20.70 7.06
CA GLU B 62 -8.73 20.00 7.01
C GLU B 62 -9.23 19.62 8.41
N HIS B 63 -8.39 19.85 9.42
CA HIS B 63 -8.69 19.50 10.81
C HIS B 63 -8.89 17.99 10.98
N THR B 64 -8.32 17.22 10.06
CA THR B 64 -8.31 15.76 10.15
C THR B 64 -6.89 15.23 10.27
N GLU B 65 -5.91 16.12 10.11
CA GLU B 65 -4.52 15.71 10.09
C GLU B 65 -4.00 15.34 11.47
N GLN B 66 -3.23 14.25 11.52
CA GLN B 66 -2.52 13.83 12.74
C GLN B 66 -1.04 13.70 12.39
N LYS B 67 -0.20 14.52 13.01
CA LYS B 67 1.23 14.50 12.70
C LYS B 67 1.96 13.73 13.78
N ARG B 68 2.88 12.86 13.36
CA ARG B 68 3.68 12.08 14.29
C ARG B 68 5.15 12.10 13.87
N ASN B 69 6.03 11.92 14.84
CA ASN B 69 7.45 11.75 14.58
C ASN B 69 7.82 10.28 14.41
N VAL B 70 8.84 10.03 13.60
CA VAL B 70 9.38 8.69 13.44
C VAL B 70 10.55 8.50 14.41
N ILE B 71 10.45 7.49 15.26
CA ILE B 71 11.48 7.21 16.25
C ILE B 71 12.36 6.03 15.87
N ARG B 72 11.88 5.19 14.94
CA ARG B 72 12.63 4.02 14.53
C ARG B 72 12.29 3.65 13.09
N ILE B 73 13.32 3.25 12.35
CA ILE B 73 13.18 2.93 10.95
C ILE B 73 13.83 1.58 10.71
N ILE B 74 13.04 0.65 10.17
CA ILE B 74 13.54 -0.68 9.85
C ILE B 74 13.41 -0.96 8.35
N PRO B 75 14.48 -0.68 7.58
CA PRO B 75 14.45 -1.12 6.19
C PRO B 75 14.60 -2.64 6.15
N HIS B 76 14.08 -3.30 5.12
CA HIS B 76 14.25 -4.74 5.03
C HIS B 76 15.75 -5.09 5.07
N HIS B 77 16.07 -6.21 5.72
CA HIS B 77 17.47 -6.56 5.99
C HIS B 77 18.27 -6.83 4.72
N ASN B 78 17.59 -7.13 3.62
CA ASN B 78 18.28 -7.41 2.37
C ASN B 78 18.26 -6.24 1.38
N TYR B 79 17.61 -5.14 1.75
CA TYR B 79 17.61 -3.94 0.92
C TYR B 79 19.04 -3.39 0.85
N ASN B 80 19.48 -3.05 -0.36
CA ASN B 80 20.84 -2.56 -0.62
C ASN B 80 21.93 -3.60 -0.33
N ALA B 81 21.55 -4.87 -0.35
CA ALA B 81 22.54 -5.94 -0.39
C ALA B 81 23.27 -5.89 -1.74
N ALA B 82 22.49 -5.64 -2.79
CA ALA B 82 22.99 -5.39 -4.13
C ALA B 82 22.70 -3.95 -4.50
N ILE B 83 23.71 -3.23 -4.96
CA ILE B 83 23.62 -1.79 -5.14
C ILE B 83 22.71 -1.41 -6.33
N ASN B 84 21.86 -0.40 -6.10
CA ASN B 84 21.06 0.24 -7.16
C ASN B 84 20.08 -0.67 -7.90
N THR B 85 19.63 -1.75 -7.25
CA THR B 85 18.65 -2.65 -7.85
C THR B 85 17.21 -2.37 -7.37
N TYR B 86 17.10 -1.81 -6.16
CA TYR B 86 15.82 -1.53 -5.50
C TYR B 86 15.03 -2.82 -5.18
N ASN B 87 15.74 -3.94 -5.18
CA ASN B 87 15.21 -5.18 -4.65
C ASN B 87 14.94 -5.02 -3.15
N HIS B 88 13.84 -5.59 -2.67
CA HIS B 88 13.45 -5.48 -1.26
C HIS B 88 13.15 -4.02 -0.86
N ASP B 89 12.57 -3.24 -1.76
CA ASP B 89 12.30 -1.84 -1.48
C ASP B 89 11.09 -1.67 -0.57
N ILE B 90 11.32 -1.83 0.72
CA ILE B 90 10.26 -1.79 1.71
C ILE B 90 10.90 -1.50 3.07
N ALA B 91 10.20 -0.72 3.88
CA ALA B 91 10.70 -0.31 5.19
C ALA B 91 9.54 -0.04 6.14
N LEU B 92 9.81 -0.15 7.43
CA LEU B 92 8.82 0.12 8.47
C LEU B 92 9.23 1.30 9.34
N LEU B 93 8.26 2.14 9.65
CA LEU B 93 8.49 3.33 10.48
C LEU B 93 7.67 3.22 11.77
N GLU B 94 8.32 3.35 12.92
CA GLU B 94 7.63 3.39 14.20
C GLU B 94 7.37 4.84 14.63
N LEU B 95 6.14 5.12 15.03
CA LEU B 95 5.73 6.46 15.44
C LEU B 95 5.93 6.68 16.92
N ASP B 96 6.22 7.93 17.29
CA ASP B 96 6.49 8.26 18.68
C ASP B 96 5.25 8.14 19.56
N GLU B 97 4.09 8.53 19.01
CA GLU B 97 2.82 8.43 19.71
C GLU B 97 1.79 7.76 18.81
N PRO B 98 0.96 6.88 19.38
CA PRO B 98 0.00 6.16 18.54
C PRO B 98 -0.95 7.11 17.80
N LEU B 99 -1.30 6.73 16.59
CA LEU B 99 -2.37 7.38 15.86
C LEU B 99 -3.69 7.07 16.55
N VAL B 100 -4.63 8.02 16.49
CA VAL B 100 -5.99 7.79 16.94
C VAL B 100 -6.86 7.45 15.73
N LEU B 101 -7.31 6.20 15.66
CA LEU B 101 -8.02 5.72 14.49
C LEU B 101 -9.39 6.35 14.36
N ASN B 102 -9.73 6.77 13.14
CA ASN B 102 -11.05 7.32 12.86
C ASN B 102 -11.35 7.16 11.37
N SER B 103 -12.38 7.86 10.88
CA SER B 103 -12.79 7.69 9.50
C SER B 103 -11.71 8.14 8.50
N TYR B 104 -10.81 9.00 8.98
CA TYR B 104 -9.77 9.56 8.12
C TYR B 104 -8.40 8.92 8.39
N VAL B 105 -8.37 8.10 9.44
CA VAL B 105 -7.13 7.44 9.87
C VAL B 105 -7.45 5.97 10.19
N THR B 106 -7.24 5.11 9.20
CA THR B 106 -7.61 3.70 9.31
C THR B 106 -6.49 2.83 8.74
N PRO B 107 -6.17 1.69 9.40
CA PRO B 107 -5.13 0.83 8.83
C PRO B 107 -5.55 0.21 7.51
N ILE B 108 -4.56 -0.20 6.70
CA ILE B 108 -4.84 -1.04 5.52
C ILE B 108 -4.77 -2.50 6.00
N CYS B 109 -5.58 -3.38 5.41
CA CYS B 109 -5.55 -4.80 5.78
C CYS B 109 -4.36 -5.48 5.11
N ILE B 110 -3.78 -6.47 5.80
CA ILE B 110 -2.69 -7.25 5.26
C ILE B 110 -2.97 -8.74 5.49
N ALA B 111 -3.19 -9.44 4.38
CA ALA B 111 -3.49 -10.87 4.41
C ALA B 111 -2.21 -11.69 4.47
N ASP B 112 -2.31 -13.03 4.46
CA ASP B 112 -1.13 -13.88 4.48
C ASP B 112 -0.47 -13.89 3.10
N LYS B 113 0.68 -14.56 3.01
CA LYS B 113 1.42 -14.64 1.75
C LYS B 113 0.54 -15.15 0.62
N GLU B 114 -0.21 -16.21 0.89
CA GLU B 114 -1.01 -16.88 -0.13
C GLU B 114 -2.14 -16.00 -0.65
N TYR B 115 -2.88 -15.34 0.25
CA TYR B 115 -4.02 -14.52 -0.16
C TYR B 115 -3.58 -13.15 -0.69
N THR B 116 -2.45 -12.63 -0.21
CA THR B 116 -1.94 -11.40 -0.78
C THR B 116 -1.67 -11.64 -2.27
N ASN B 117 -1.07 -12.78 -2.58
CA ASN B 117 -0.77 -13.12 -3.97
C ASN B 117 -2.05 -13.37 -4.77
N ILE B 118 -3.03 -14.02 -4.14
CA ILE B 118 -4.32 -14.23 -4.79
C ILE B 118 -4.94 -12.89 -5.13
N PHE B 119 -4.99 -11.99 -4.16
CA PHE B 119 -5.56 -10.66 -4.36
C PHE B 119 -4.79 -9.87 -5.43
N LEU B 120 -3.46 -9.98 -5.47
CA LEU B 120 -2.70 -9.31 -6.52
C LEU B 120 -3.16 -9.81 -7.88
N LYS B 121 -3.41 -11.11 -7.99
CA LYS B 121 -3.75 -11.71 -9.27
C LYS B 121 -5.20 -11.40 -9.69
N PHE B 122 -5.95 -10.68 -8.86
CA PHE B 122 -7.23 -10.12 -9.30
C PHE B 122 -6.97 -9.18 -10.48
N GLY B 123 -5.76 -8.63 -10.53
CA GLY B 123 -5.29 -7.95 -11.71
C GLY B 123 -5.60 -6.47 -11.75
N SER B 124 -6.16 -5.93 -10.68
CA SER B 124 -6.53 -4.52 -10.64
C SER B 124 -6.38 -3.93 -9.24
N GLY B 125 -5.54 -2.92 -9.11
CA GLY B 125 -5.29 -2.28 -7.84
C GLY B 125 -5.32 -0.77 -7.91
N TYR B 126 -5.45 -0.14 -6.75
CA TYR B 126 -5.45 1.32 -6.65
C TYR B 126 -4.15 1.80 -6.05
N VAL B 127 -3.59 2.85 -6.65
CA VAL B 127 -2.39 3.49 -6.13
C VAL B 127 -2.69 4.97 -5.92
N SER B 128 -2.06 5.54 -4.90
CA SER B 128 -2.35 6.92 -4.48
C SER B 128 -1.10 7.62 -3.97
N GLY B 129 -1.13 8.95 -4.02
CA GLY B 129 -0.03 9.74 -3.50
C GLY B 129 -0.08 11.21 -3.91
N TRP B 130 0.89 11.96 -3.39
CA TRP B 130 1.04 13.39 -3.68
C TRP B 130 2.25 13.64 -4.59
N GLY B 131 2.66 12.62 -5.33
CA GLY B 131 3.80 12.73 -6.24
C GLY B 131 3.49 13.56 -7.47
N ARG B 132 4.44 13.59 -8.40
CA ARG B 132 4.30 14.38 -9.61
C ARG B 132 3.08 13.96 -10.41
N VAL B 133 2.38 14.96 -10.97
CA VAL B 133 1.21 14.70 -11.81
C VAL B 133 1.58 14.77 -13.29
N PHE B 134 2.70 15.41 -13.57
CA PHE B 134 3.33 15.35 -14.90
C PHE B 134 4.78 14.94 -14.74
N HIS B 135 5.33 14.23 -15.72
CA HIS B 135 6.71 13.79 -15.64
C HIS B 135 7.65 15.00 -15.69
N LYS B 136 8.55 15.09 -14.71
CA LYS B 136 9.39 16.28 -14.51
C LYS B 136 8.46 17.51 -14.40
N GLY B 137 7.32 17.30 -13.75
CA GLY B 137 6.32 18.33 -13.56
C GLY B 137 6.13 18.70 -12.10
N ARG B 138 4.93 19.20 -11.81
CA ARG B 138 4.56 19.68 -10.49
C ARG B 138 4.03 18.55 -9.59
N SER B 139 4.27 18.65 -8.29
CA SER B 139 3.71 17.73 -7.29
C SER B 139 2.26 18.08 -6.92
N ALA B 140 1.47 17.07 -6.54
CA ALA B 140 0.05 17.30 -6.29
C ALA B 140 -0.19 17.96 -4.93
N LEU B 141 -1.13 18.90 -4.86
CA LEU B 141 -1.57 19.44 -3.58
C LEU B 141 -2.67 18.55 -2.98
N VAL B 142 -3.61 18.15 -3.80
CA VAL B 142 -4.69 17.23 -3.38
C VAL B 142 -4.31 15.79 -3.71
N LEU B 143 -4.56 14.88 -2.78
CA LEU B 143 -4.23 13.47 -2.96
C LEU B 143 -4.83 12.92 -4.26
N GLN B 144 -3.97 12.26 -5.05
CA GLN B 144 -4.38 11.64 -6.31
C GLN B 144 -4.50 10.14 -6.16
N TYR B 145 -5.35 9.52 -6.98
CA TYR B 145 -5.40 8.06 -7.03
C TYR B 145 -5.65 7.57 -8.45
N LEU B 146 -5.28 6.33 -8.69
CA LEU B 146 -5.33 5.74 -10.02
C LEU B 146 -5.48 4.23 -9.92
N ARG B 147 -6.36 3.67 -10.74
CA ARG B 147 -6.49 2.22 -10.89
C ARG B 147 -5.52 1.74 -11.96
N VAL B 148 -4.72 0.74 -11.65
CA VAL B 148 -3.72 0.23 -12.58
C VAL B 148 -3.83 -1.28 -12.72
N PRO B 149 -3.84 -1.77 -13.97
CA PRO B 149 -3.93 -3.22 -14.15
C PRO B 149 -2.60 -3.93 -13.95
N LEU B 150 -2.65 -5.19 -13.52
CA LEU B 150 -1.46 -6.02 -13.42
C LEU B 150 -0.91 -6.36 -14.79
N VAL B 151 0.42 -6.40 -14.90
CA VAL B 151 1.10 -6.73 -16.14
C VAL B 151 1.82 -8.06 -15.95
N ASP B 152 1.69 -8.95 -16.93
CA ASP B 152 2.29 -10.29 -16.84
C ASP B 152 3.81 -10.19 -16.83
N ARG B 153 4.45 -11.13 -16.14
CA ARG B 153 5.89 -11.06 -15.91
C ARG B 153 6.70 -10.98 -17.20
N ALA B 154 6.29 -11.73 -18.23
CA ALA B 154 7.04 -11.77 -19.48
C ALA B 154 7.08 -10.41 -20.17
N THR B 155 5.93 -9.74 -20.21
CA THR B 155 5.86 -8.39 -20.76
C THR B 155 6.63 -7.41 -19.90
N CYS B 156 6.48 -7.57 -18.58
CA CYS B 156 7.20 -6.75 -17.62
C CYS B 156 8.71 -6.80 -17.94
N LEU B 157 9.26 -7.98 -17.97
CA LEU B 157 10.66 -8.17 -18.27
C LEU B 157 11.19 -7.51 -19.54
N ARG B 158 10.46 -7.64 -20.62
CA ARG B 158 10.88 -7.07 -21.90
C ARG B 158 10.72 -5.56 -21.97
N SER B 159 10.02 -4.97 -21.00
CA SER B 159 9.73 -3.54 -21.03
C SER B 159 10.93 -2.69 -20.60
N THR B 160 11.91 -3.34 -19.98
CA THR B 160 13.03 -2.62 -19.40
C THR B 160 14.30 -3.46 -19.45
N LYS B 161 15.44 -2.78 -19.50
CA LYS B 161 16.71 -3.47 -19.51
C LYS B 161 17.20 -3.69 -18.07
N PHE B 162 16.57 -3.03 -17.11
CA PHE B 162 16.91 -3.23 -15.71
C PHE B 162 16.29 -4.54 -15.21
N THR B 163 16.76 -5.04 -14.07
CA THR B 163 16.31 -6.33 -13.56
C THR B 163 14.99 -6.22 -12.80
N ILE B 164 14.06 -7.11 -13.15
CA ILE B 164 12.82 -7.30 -12.41
C ILE B 164 12.92 -8.59 -11.61
N THR B 165 12.99 -8.48 -10.29
CA THR B 165 13.13 -9.66 -9.46
C THR B 165 11.75 -10.22 -9.11
N ASN B 166 11.73 -11.40 -8.52
CA ASN B 166 10.49 -12.01 -8.07
C ASN B 166 9.90 -11.29 -6.85
N ASN B 167 10.62 -10.28 -6.36
CA ASN B 167 10.12 -9.41 -5.29
C ASN B 167 9.52 -8.14 -5.84
N MET B 168 9.25 -8.14 -7.14
CA MET B 168 8.67 -6.99 -7.84
C MET B 168 7.54 -7.45 -8.75
N PHE B 169 6.63 -6.53 -9.08
CA PHE B 169 5.69 -6.74 -10.18
C PHE B 169 5.48 -5.42 -10.94
N CYS B 170 5.04 -5.56 -12.19
CA CYS B 170 4.70 -4.41 -13.05
C CYS B 170 3.21 -4.12 -13.00
N ALA B 171 2.83 -2.85 -13.11
CA ALA B 171 1.43 -2.47 -13.28
C ALA B 171 1.35 -1.16 -14.03
N GLY B 172 0.35 -1.04 -14.89
CA GLY B 172 0.20 0.14 -15.72
C GLY B 172 -0.53 -0.24 -17.00
N PHE B 173 -0.62 0.72 -17.92
CA PHE B 173 -1.34 0.52 -19.18
C PHE B 173 -0.39 0.37 -20.35
N HIS B 174 -0.72 -0.51 -21.29
CA HIS B 174 0.14 -0.76 -22.44
C HIS B 174 0.29 0.49 -23.30
N GLU B 175 -0.73 1.35 -23.29
CA GLU B 175 -0.72 2.58 -24.08
C GLU B 175 -0.11 3.76 -23.31
N GLY B 176 0.28 3.53 -22.06
CA GLY B 176 0.88 4.57 -21.23
C GLY B 176 -0.14 5.61 -20.79
N GLY B 177 0.37 6.73 -20.29
CA GLY B 177 -0.46 7.86 -19.92
C GLY B 177 -0.89 7.90 -18.47
N ARG B 178 -0.85 6.75 -17.80
CA ARG B 178 -1.30 6.64 -16.42
C ARG B 178 -0.28 5.85 -15.61
N ASP B 179 0.17 6.40 -14.48
CA ASP B 179 1.29 5.81 -13.77
C ASP B 179 1.48 6.50 -12.43
N SER B 180 2.14 5.81 -11.51
CA SER B 180 2.70 6.50 -10.35
C SER B 180 3.97 7.19 -10.81
N CYS B 181 4.57 8.01 -9.96
CA CYS B 181 5.69 8.86 -10.38
C CYS B 181 6.54 9.28 -9.19
N GLN B 182 7.52 10.14 -9.42
CA GLN B 182 8.40 10.64 -8.36
C GLN B 182 7.55 11.21 -7.25
N GLY B 183 7.89 10.88 -6.01
CA GLY B 183 7.16 11.37 -4.86
C GLY B 183 6.08 10.40 -4.39
N ASP B 184 5.71 9.44 -5.24
CA ASP B 184 4.66 8.49 -4.88
C ASP B 184 5.23 7.26 -4.17
N SER B 185 6.55 7.12 -4.18
CA SER B 185 7.18 5.95 -3.58
C SER B 185 6.75 5.71 -2.14
N GLY B 186 6.57 4.44 -1.80
CA GLY B 186 6.16 4.05 -0.47
C GLY B 186 4.66 4.00 -0.35
N GLY B 187 3.97 4.67 -1.29
CA GLY B 187 2.53 4.63 -1.35
C GLY B 187 1.98 3.23 -1.55
N PRO B 188 0.77 2.98 -1.03
CA PRO B 188 0.18 1.64 -1.14
C PRO B 188 -0.45 1.35 -2.49
N HIS B 189 -0.19 0.16 -2.99
CA HIS B 189 -0.97 -0.45 -4.06
C HIS B 189 -1.94 -1.41 -3.39
N VAL B 190 -3.25 -1.12 -3.47
CA VAL B 190 -4.25 -1.86 -2.72
C VAL B 190 -5.28 -2.53 -3.62
N THR B 191 -5.75 -3.68 -3.19
CA THR B 191 -6.76 -4.43 -3.91
C THR B 191 -8.01 -4.52 -3.04
N GLU B 192 -9.14 -4.16 -3.65
CA GLU B 192 -10.39 -4.11 -2.93
C GLU B 192 -11.10 -5.45 -3.07
N VAL B 193 -11.31 -6.10 -1.93
CA VAL B 193 -12.00 -7.37 -1.88
C VAL B 193 -13.35 -7.21 -1.20
N GLU B 194 -14.40 -7.05 -2.00
CA GLU B 194 -15.76 -6.85 -1.50
C GLU B 194 -15.85 -5.79 -0.40
N GLY B 195 -15.37 -4.59 -0.70
CA GLY B 195 -15.49 -3.46 0.21
C GLY B 195 -14.35 -3.31 1.18
N THR B 196 -13.44 -4.29 1.21
CA THR B 196 -12.32 -4.29 2.14
C THR B 196 -10.99 -4.30 1.38
N SER B 197 -10.18 -3.26 1.57
CA SER B 197 -8.94 -3.11 0.82
C SER B 197 -7.76 -3.81 1.52
N PHE B 198 -6.98 -4.53 0.72
CA PHE B 198 -5.77 -5.21 1.19
C PHE B 198 -4.54 -4.67 0.48
N LEU B 199 -3.43 -4.60 1.21
CA LEU B 199 -2.17 -4.14 0.64
C LEU B 199 -1.54 -5.22 -0.23
N THR B 200 -1.31 -4.90 -1.50
CA THR B 200 -0.76 -5.89 -2.43
C THR B 200 0.55 -5.41 -3.06
N GLY B 201 0.89 -4.14 -2.87
CA GLY B 201 2.14 -3.61 -3.39
C GLY B 201 2.57 -2.30 -2.78
N ILE B 202 3.81 -1.89 -3.07
CA ILE B 202 4.33 -0.58 -2.69
C ILE B 202 4.99 0.10 -3.90
N VAL B 203 4.62 1.35 -4.17
CA VAL B 203 5.27 2.12 -5.23
C VAL B 203 6.80 2.14 -5.01
N SER B 204 7.56 1.65 -6.00
CA SER B 204 9.02 1.52 -5.87
C SER B 204 9.83 2.31 -6.90
N TRP B 205 9.70 1.99 -8.18
CA TRP B 205 10.53 2.65 -9.19
C TRP B 205 9.98 2.51 -10.61
N GLY B 206 10.65 3.17 -11.54
CA GLY B 206 10.28 3.11 -12.95
C GLY B 206 11.28 3.86 -13.80
N GLU B 207 10.95 3.99 -15.09
CA GLU B 207 11.77 4.73 -16.05
C GLU B 207 10.95 5.86 -16.62
N GLU B 208 11.22 7.06 -16.15
CA GLU B 208 10.36 8.21 -16.41
C GLU B 208 9.00 7.87 -15.82
N CYS B 209 7.94 8.49 -16.33
CA CYS B 209 6.60 8.19 -15.85
C CYS B 209 5.60 8.20 -17.00
N ALA B 210 4.69 7.23 -16.97
CA ALA B 210 3.55 7.16 -17.88
C ALA B 210 3.92 7.01 -19.36
N MET B 211 5.17 6.65 -19.64
CA MET B 211 5.61 6.44 -21.02
C MET B 211 5.08 5.13 -21.59
N LYS B 212 4.66 5.14 -22.85
CA LYS B 212 4.17 3.95 -23.50
C LYS B 212 5.28 2.92 -23.62
N GLY B 213 4.98 1.67 -23.30
CA GLY B 213 5.96 0.60 -23.35
C GLY B 213 6.67 0.43 -22.03
N LYS B 214 6.38 1.31 -21.07
CA LYS B 214 6.96 1.26 -19.74
C LYS B 214 5.86 1.07 -18.69
N TYR B 215 6.24 0.51 -17.55
CA TYR B 215 5.27 0.27 -16.48
C TYR B 215 5.85 0.68 -15.13
N GLY B 216 4.97 0.97 -14.18
CA GLY B 216 5.39 1.22 -12.82
C GLY B 216 5.84 -0.08 -12.21
N ILE B 217 6.93 -0.03 -11.45
CA ILE B 217 7.46 -1.21 -10.76
C ILE B 217 7.17 -1.08 -9.27
N TYR B 218 6.61 -2.15 -8.72
CA TYR B 218 6.08 -2.18 -7.36
C TYR B 218 6.73 -3.28 -6.55
N THR B 219 6.92 -3.02 -5.27
CA THR B 219 7.39 -4.05 -4.36
C THR B 219 6.26 -5.04 -4.12
N LYS B 220 6.57 -6.33 -4.31
CA LYS B 220 5.57 -7.39 -4.14
C LYS B 220 5.39 -7.74 -2.66
N VAL B 221 4.31 -7.22 -2.07
CA VAL B 221 4.14 -7.27 -0.61
C VAL B 221 3.93 -8.68 -0.08
N SER B 222 3.39 -9.57 -0.89
CA SER B 222 3.19 -10.96 -0.49
C SER B 222 4.47 -11.60 0.05
N ARG B 223 5.60 -11.20 -0.51
CA ARG B 223 6.90 -11.72 -0.10
C ARG B 223 7.37 -11.20 1.26
N TYR B 224 6.73 -10.13 1.77
CA TYR B 224 7.18 -9.46 3.00
C TYR B 224 6.15 -9.43 4.13
N VAL B 225 4.98 -10.02 3.88
CA VAL B 225 3.89 -10.04 4.85
C VAL B 225 4.29 -10.64 6.20
N ASN B 226 4.99 -11.76 6.18
CA ASN B 226 5.45 -12.38 7.42
C ASN B 226 6.39 -11.45 8.17
N TRP B 227 7.30 -10.80 7.44
CA TRP B 227 8.25 -9.84 8.01
C TRP B 227 7.51 -8.65 8.65
N ILE B 228 6.50 -8.13 7.96
CA ILE B 228 5.72 -6.99 8.47
C ILE B 228 5.01 -7.34 9.77
N LYS B 229 4.31 -8.46 9.79
CA LYS B 229 3.55 -8.85 10.96
C LYS B 229 4.49 -9.12 12.13
N GLU B 230 5.64 -9.71 11.86
CA GLU B 230 6.60 -9.97 12.91
C GLU B 230 7.13 -8.67 13.56
N LYS B 231 7.42 -7.65 12.75
CA LYS B 231 8.11 -6.47 13.28
C LYS B 231 7.16 -5.45 13.91
N THR B 232 5.90 -5.45 13.50
CA THR B 232 4.97 -4.40 13.91
C THR B 232 4.02 -4.83 15.04
N LYS B 233 4.36 -5.91 15.74
CA LYS B 233 3.50 -6.43 16.80
C LYS B 233 3.27 -5.43 17.91
N LEU B 234 2.01 -5.24 18.27
CA LEU B 234 1.64 -4.36 19.39
C LEU B 234 1.62 -5.16 20.68
N THR B 235 2.20 -4.57 21.73
CA THR B 235 2.31 -5.22 23.03
C THR B 235 1.53 -4.45 24.10
CA CA C . -4.20 19.45 4.85
N 0G6 D . 13.81 6.35 -12.30
CA 0G6 D . 14.69 5.80 -11.27
C 0G6 D . 13.85 5.43 -10.10
O 0G6 D . 12.67 5.07 -10.27
CB 0G6 D . 15.40 4.55 -11.78
CG 0G6 D . 16.32 4.87 -12.98
CD1 0G6 D . 15.86 4.66 -14.30
CD2 0G6 D . 17.61 5.36 -12.75
CE1 0G6 D . 16.71 4.95 -15.37
CE2 0G6 D . 18.45 5.65 -13.84
CZ 0G6 D . 18.00 5.45 -15.14
N1 0G6 D . 14.40 5.47 -8.77
CA1 0G6 D . 13.65 5.10 -7.48
C1 0G6 D . 12.61 6.19 -7.33
O1 0G6 D . 12.93 7.37 -7.55
CB1 0G6 D . 14.61 5.05 -6.51
CG1 0G6 D . 15.84 5.98 -7.04
CD 0G6 D . 15.83 5.89 -8.39
N2 0G6 D . 11.24 5.85 -6.97
CA2 0G6 D . 10.27 6.85 -6.82
C2 0G6 D . 9.98 7.07 -5.33
O2 0G6 D . 9.31 8.28 -5.20
CB2 0G6 D . 8.99 6.40 -7.52
CG2 0G6 D . 9.23 6.33 -9.06
CD3 0G6 D . 8.09 5.51 -9.67
NE 0G6 D . 8.16 5.65 -11.16
CZ1 0G6 D . 7.08 5.16 -12.00
NH1 0G6 D . 7.23 5.34 -13.41
NH2 0G6 D . 5.98 4.56 -11.47
C3 0G6 D . 11.28 7.02 -4.48
H2 0G6 D . 14.24 7.06 -12.73
H 0G6 D . 13.61 5.68 -12.92
HA 0G6 D . 15.34 6.47 -11.00
HB2 0G6 D . 14.71 3.87 -12.05
HB3 0G6 D . 15.93 4.18 -11.06
HD1 0G6 D . 14.92 4.30 -14.47
HD2 0G6 D . 17.93 5.51 -11.81
HE1 0G6 D . 16.41 4.82 -16.26
HE2 0G6 D . 19.36 5.99 -13.67
HZ 0G6 D . 18.59 5.65 -15.89
HA1 0G6 D . 13.09 4.29 -7.48
HB21 0G6 D . 14.26 5.41 -5.65
HB31 0G6 D . 14.93 4.09 -6.38
HG2 0G6 D . 15.68 6.94 -6.76
HG3 0G6 D . 16.70 5.64 -6.67
HD21 0G6 D . 16.05 6.75 -8.78
HD3 0G6 D . 16.50 5.19 -8.69
H1 0G6 D . 11.02 4.95 -6.81
HA2 0G6 D . 10.58 7.65 -7.21
HB22 0G6 D . 8.28 7.04 -7.33
HB32 0G6 D . 8.72 5.51 -7.19
HG21 0G6 D . 10.06 5.90 -9.24
HG31 0G6 D . 9.23 7.26 -9.45
HD22 0G6 D . 8.19 4.54 -9.42
HD31 0G6 D . 7.21 5.87 -9.34
HE 0G6 D . 8.90 6.05 -11.55
HH11 0G6 D . 6.58 5.04 -13.96
HH12 0G6 D . 7.95 5.73 -13.75
HH21 0G6 D . 5.89 4.46 -10.55
HH22 0G6 D . 5.31 4.26 -12.03
H11 0G6 D . 11.13 7.44 -3.65
H21 0G6 D . 12.01 7.49 -4.97
H34 0G6 D . 9.85 8.88 -4.82
#